data_4XEV
#
_entry.id   4XEV
#
_cell.length_a   52.078
_cell.length_b   79.235
_cell.length_c   53.227
_cell.angle_alpha   90.00
_cell.angle_beta   117.62
_cell.angle_gamma   90.00
#
_symmetry.space_group_name_H-M   'P 1 21 1'
#
loop_
_entity.id
_entity.type
_entity.pdbx_description
1 polymer 'Fusion protein of Protein-tyrosine kinase 2-beta FAT domain and Leupaxin LD1 motif'
2 polymer '19-mer peptide containing Leupaxin LD4 motif'
3 water water
#
loop_
_entity_poly.entity_id
_entity_poly.type
_entity_poly.pdbx_seq_one_letter_code
_entity_poly.pdbx_strand_id
1 'polypeptide(L)'
;GSHMANLDRTDDLVYLNVMELVRAVLELKNELSQLPPEGYVVVVKNVGLTLRKLIGSVDDLLPSLPSSSRTEIEGTQKLL
NKDLAELINKMRLAQQNAVTSLSEEAKRQMLTASHTLAVDAKNLLDAVDQAKVLANLAHGGSGGGGGMEELDALLEELER
STLQDSD
;
A,D
2 'polypeptide(L)' KTSAAAQLDELMAHLTEMQ C,F
#
# COMPACT_ATOMS: atom_id res chain seq x y z
N ASN A 6 -4.75 15.15 -25.13
CA ASN A 6 -4.19 14.29 -24.09
C ASN A 6 -4.85 14.51 -22.74
N LEU A 7 -4.93 13.47 -21.91
CA LEU A 7 -5.62 13.56 -20.63
C LEU A 7 -4.69 13.91 -19.46
N ASP A 8 -5.09 14.88 -18.66
CA ASP A 8 -4.33 15.27 -17.47
C ASP A 8 -4.49 14.23 -16.37
N ARG A 9 -3.39 13.55 -16.04
CA ARG A 9 -3.41 12.49 -15.05
C ARG A 9 -2.99 12.93 -13.64
N THR A 10 -2.66 14.20 -13.44
CA THR A 10 -2.11 14.60 -12.14
C THR A 10 -3.08 14.27 -11.00
N ASP A 11 -4.33 14.68 -11.11
CA ASP A 11 -5.30 14.43 -10.06
C ASP A 11 -5.99 13.06 -10.16
N ASP A 12 -5.51 12.19 -11.04
CA ASP A 12 -6.30 11.03 -11.51
C ASP A 12 -6.00 9.76 -10.73
N LEU A 13 -6.80 9.52 -9.68
CA LEU A 13 -6.52 8.43 -8.76
C LEU A 13 -6.76 7.05 -9.39
N VAL A 14 -7.65 6.98 -10.38
CA VAL A 14 -7.91 5.70 -11.04
C VAL A 14 -6.69 5.29 -11.85
N TYR A 15 -6.19 6.21 -12.67
CA TYR A 15 -4.97 5.99 -13.45
C TYR A 15 -3.79 5.60 -12.54
N LEU A 16 -3.62 6.32 -11.45
CA LEU A 16 -2.47 6.09 -10.56
C LEU A 16 -2.60 4.71 -9.91
N ASN A 17 -3.82 4.36 -9.52
CA ASN A 17 -4.08 3.05 -8.92
C ASN A 17 -3.91 1.89 -9.90
N VAL A 18 -4.19 2.14 -11.18
CA VAL A 18 -4.01 1.11 -12.20
C VAL A 18 -2.51 0.90 -12.45
N MET A 19 -1.75 2.00 -12.38
CA MET A 19 -0.30 1.91 -12.53
C MET A 19 0.32 1.11 -11.41
N GLU A 20 -0.13 1.36 -10.19
CA GLU A 20 0.35 0.62 -9.03
C GLU A 20 -0.02 -0.86 -9.14
N LEU A 21 -1.19 -1.15 -9.68
CA LEU A 21 -1.60 -2.55 -9.85
C LEU A 21 -0.64 -3.26 -10.79
N VAL A 22 -0.35 -2.63 -11.91
CA VAL A 22 0.49 -3.21 -12.94
C VAL A 22 1.91 -3.36 -12.41
N ARG A 23 2.35 -2.41 -11.58
CA ARG A 23 3.66 -2.53 -10.93
C ARG A 23 3.70 -3.71 -9.95
N ALA A 24 2.62 -3.96 -9.22
CA ALA A 24 2.61 -5.13 -8.33
C ALA A 24 2.60 -6.45 -9.11
N VAL A 25 1.96 -6.46 -10.28
CA VAL A 25 1.97 -7.68 -11.09
C VAL A 25 3.37 -7.93 -11.63
N LEU A 26 4.04 -6.85 -12.00
CA LEU A 26 5.38 -6.93 -12.55
C LEU A 26 6.40 -7.33 -11.46
N GLU A 27 6.11 -6.98 -10.20
CA GLU A 27 6.98 -7.42 -9.12
C GLU A 27 6.78 -8.91 -8.85
N LEU A 28 5.53 -9.37 -8.92
CA LEU A 28 5.25 -10.79 -8.82
C LEU A 28 6.10 -11.54 -9.85
N LYS A 29 6.04 -11.10 -11.10
CA LYS A 29 6.79 -11.75 -12.18
C LYS A 29 8.30 -11.74 -11.91
N ASN A 30 8.82 -10.61 -11.43
CA ASN A 30 10.25 -10.50 -11.20
C ASN A 30 10.76 -11.35 -10.05
N GLU A 31 9.91 -11.63 -9.06
CA GLU A 31 10.36 -12.39 -7.89
C GLU A 31 10.10 -13.90 -8.00
N LEU A 32 9.20 -14.28 -8.89
CA LEU A 32 8.60 -15.61 -8.85
C LEU A 32 9.64 -16.71 -8.96
N SER A 33 10.50 -16.61 -9.97
CA SER A 33 11.51 -17.65 -10.25
C SER A 33 12.33 -18.11 -9.04
N GLN A 34 12.67 -17.20 -8.13
CA GLN A 34 13.55 -17.56 -7.02
C GLN A 34 12.78 -17.79 -5.71
N LEU A 35 11.51 -17.41 -5.69
CA LEU A 35 10.67 -17.56 -4.51
C LEU A 35 10.43 -19.00 -4.07
N PRO A 36 10.63 -19.27 -2.77
CA PRO A 36 10.15 -20.50 -2.13
C PRO A 36 8.63 -20.43 -2.00
N PRO A 37 7.96 -21.59 -1.93
CA PRO A 37 6.48 -21.62 -1.88
C PRO A 37 5.94 -20.76 -0.74
N GLU A 38 6.71 -20.69 0.34
CA GLU A 38 6.32 -19.90 1.50
C GLU A 38 6.14 -18.42 1.15
N GLY A 39 6.85 -17.97 0.12
CA GLY A 39 6.80 -16.57 -0.28
C GLY A 39 5.77 -16.22 -1.34
N TYR A 40 4.96 -17.19 -1.75
CA TYR A 40 3.95 -16.92 -2.78
C TYR A 40 2.79 -16.07 -2.29
N VAL A 41 2.45 -16.21 -1.02
CA VAL A 41 1.25 -15.52 -0.51
C VAL A 41 1.39 -14.00 -0.51
N VAL A 42 2.55 -13.51 -0.03
CA VAL A 42 2.80 -12.06 0.02
C VAL A 42 2.71 -11.40 -1.35
N VAL A 43 3.27 -12.01 -2.39
CA VAL A 43 3.27 -11.33 -3.69
C VAL A 43 1.90 -11.32 -4.36
N VAL A 44 1.05 -12.30 -4.05
CA VAL A 44 -0.33 -12.26 -4.59
C VAL A 44 -1.18 -11.30 -3.74
N LYS A 45 -0.92 -11.25 -2.44
CA LYS A 45 -1.61 -10.31 -1.56
C LYS A 45 -1.35 -8.84 -1.92
N ASN A 46 -0.12 -8.51 -2.28
CA ASN A 46 0.19 -7.14 -2.70
C ASN A 46 -0.54 -6.75 -4.00
N VAL A 47 -0.72 -7.70 -4.91
CA VAL A 47 -1.55 -7.46 -6.08
C VAL A 47 -2.99 -7.16 -5.64
N GLY A 48 -3.54 -7.99 -4.76
CA GLY A 48 -4.90 -7.80 -4.28
C GLY A 48 -5.09 -6.50 -3.50
N LEU A 49 -4.05 -6.04 -2.82
CA LEU A 49 -4.14 -4.78 -2.07
C LEU A 49 -4.26 -3.58 -3.00
N THR A 50 -3.58 -3.64 -4.15
CA THR A 50 -3.65 -2.54 -5.10
C THR A 50 -4.95 -2.62 -5.90
N LEU A 51 -5.54 -3.80 -5.97
CA LEU A 51 -6.87 -3.95 -6.55
C LEU A 51 -7.93 -3.36 -5.63
N ARG A 52 -7.77 -3.58 -4.32
CA ARG A 52 -8.65 -2.95 -3.33
C ARG A 52 -8.61 -1.41 -3.42
N LYS A 53 -7.43 -0.84 -3.63
CA LYS A 53 -7.32 0.61 -3.76
C LYS A 53 -8.04 1.06 -5.04
N LEU A 54 -7.79 0.34 -6.13
CA LEU A 54 -8.39 0.69 -7.42
C LEU A 54 -9.92 0.70 -7.36
N ILE A 55 -10.49 -0.40 -6.89
CA ILE A 55 -11.95 -0.56 -6.79
C ILE A 55 -12.51 0.49 -5.84
N GLY A 56 -11.74 0.86 -4.84
CA GLY A 56 -12.11 1.93 -3.93
C GLY A 56 -12.23 3.27 -4.62
N SER A 57 -11.31 3.57 -5.53
CA SER A 57 -11.32 4.88 -6.18
C SER A 57 -12.36 4.90 -7.30
N VAL A 58 -12.61 3.75 -7.90
CA VAL A 58 -13.64 3.65 -8.92
C VAL A 58 -15.03 3.80 -8.30
N ASP A 59 -15.27 3.09 -7.19
CA ASP A 59 -16.51 3.20 -6.45
C ASP A 59 -16.86 4.65 -6.14
N ASP A 60 -15.86 5.41 -5.70
CA ASP A 60 -16.02 6.82 -5.34
C ASP A 60 -16.51 7.66 -6.51
N LEU A 61 -16.20 7.22 -7.71
CA LEU A 61 -16.50 7.95 -8.94
C LEU A 61 -17.89 7.62 -9.53
N LEU A 62 -18.27 6.35 -9.47
CA LEU A 62 -19.49 5.85 -10.13
C LEU A 62 -20.78 6.68 -9.93
N PRO A 63 -21.07 7.14 -8.69
CA PRO A 63 -22.34 7.89 -8.56
C PRO A 63 -22.38 9.22 -9.31
N SER A 64 -21.24 9.67 -9.83
CA SER A 64 -21.24 10.89 -10.64
C SER A 64 -21.45 10.59 -12.12
N LEU A 65 -21.40 9.31 -12.49
CA LEU A 65 -21.58 8.88 -13.88
C LEU A 65 -23.03 8.49 -14.22
N PRO A 66 -23.39 8.52 -15.50
CA PRO A 66 -24.73 8.05 -15.87
C PRO A 66 -24.85 6.53 -15.71
N SER A 67 -26.06 6.04 -15.46
CA SER A 67 -26.31 4.63 -15.16
C SER A 67 -25.69 3.67 -16.17
N SER A 68 -25.77 4.03 -17.45
CA SER A 68 -25.12 3.32 -18.54
C SER A 68 -23.65 3.01 -18.21
N SER A 69 -22.86 4.06 -18.06
CA SER A 69 -21.45 3.92 -17.72
C SER A 69 -21.24 3.13 -16.45
N ARG A 70 -22.07 3.42 -15.44
CA ARG A 70 -21.98 2.74 -14.15
C ARG A 70 -22.06 1.22 -14.31
N THR A 71 -23.05 0.75 -15.05
CA THR A 71 -23.23 -0.68 -15.24
C THR A 71 -22.02 -1.31 -15.92
N GLU A 72 -21.52 -0.69 -16.98
CA GLU A 72 -20.44 -1.30 -17.73
C GLU A 72 -19.12 -1.23 -16.93
N ILE A 73 -18.93 -0.18 -16.14
CA ILE A 73 -17.74 -0.08 -15.28
C ILE A 73 -17.78 -1.18 -14.23
N GLU A 74 -18.96 -1.40 -13.67
CA GLU A 74 -19.14 -2.49 -12.71
C GLU A 74 -18.87 -3.87 -13.34
N GLY A 75 -19.12 -4.00 -14.63
CA GLY A 75 -18.76 -5.20 -15.35
C GLY A 75 -17.25 -5.43 -15.34
N THR A 76 -16.48 -4.35 -15.42
CA THR A 76 -15.03 -4.47 -15.49
C THR A 76 -14.44 -4.81 -14.12
N GLN A 77 -15.04 -4.27 -13.08
CA GLN A 77 -14.60 -4.52 -11.72
C GLN A 77 -14.81 -5.99 -11.35
N LYS A 78 -16.02 -6.47 -11.59
CA LYS A 78 -16.38 -7.87 -11.35
C LYS A 78 -15.40 -8.85 -12.00
N LEU A 79 -15.03 -8.56 -13.25
CA LEU A 79 -14.03 -9.35 -13.96
C LEU A 79 -12.67 -9.36 -13.25
N LEU A 80 -12.26 -8.20 -12.74
CA LEU A 80 -11.00 -8.07 -12.01
C LEU A 80 -11.00 -8.98 -10.80
N ASN A 81 -12.12 -8.98 -10.06
CA ASN A 81 -12.26 -9.87 -8.91
C ASN A 81 -12.14 -11.34 -9.32
N LYS A 82 -12.75 -11.69 -10.44
CA LYS A 82 -12.68 -13.04 -10.98
C LYS A 82 -11.23 -13.37 -11.35
N ASP A 83 -10.52 -12.36 -11.85
CA ASP A 83 -9.12 -12.52 -12.20
C ASP A 83 -8.26 -12.79 -10.96
N LEU A 84 -8.58 -12.12 -9.86
CA LEU A 84 -7.81 -12.33 -8.63
C LEU A 84 -8.10 -13.70 -8.04
N ALA A 85 -9.38 -14.06 -7.99
CA ALA A 85 -9.80 -15.39 -7.53
C ALA A 85 -9.01 -16.47 -8.25
N GLU A 86 -8.74 -16.23 -9.52
CA GLU A 86 -8.08 -17.23 -10.35
C GLU A 86 -6.58 -17.25 -10.11
N LEU A 87 -5.99 -16.07 -9.87
CA LEU A 87 -4.58 -15.97 -9.52
C LEU A 87 -4.34 -16.67 -8.19
N ILE A 88 -5.31 -16.53 -7.28
CA ILE A 88 -5.23 -17.19 -5.99
C ILE A 88 -5.27 -18.72 -6.17
N ASN A 89 -6.06 -19.17 -7.13
CA ASN A 89 -6.15 -20.60 -7.38
C ASN A 89 -4.86 -21.15 -7.97
N LYS A 90 -4.24 -20.43 -8.90
CA LYS A 90 -2.97 -20.90 -9.47
C LYS A 90 -1.83 -20.77 -8.47
N MET A 91 -1.95 -19.82 -7.54
CA MET A 91 -0.96 -19.68 -6.47
C MET A 91 -0.97 -20.93 -5.59
N ARG A 92 -2.15 -21.33 -5.14
CA ARG A 92 -2.29 -22.53 -4.32
C ARG A 92 -1.80 -23.81 -5.04
N LEU A 93 -2.14 -23.98 -6.31
CA LEU A 93 -1.64 -25.12 -7.10
C LEU A 93 -0.12 -25.17 -7.09
N ALA A 94 0.49 -24.00 -7.27
CA ALA A 94 1.94 -23.86 -7.33
C ALA A 94 2.59 -24.18 -5.99
N GLN A 95 2.00 -23.70 -4.90
CA GLN A 95 2.44 -24.07 -3.56
C GLN A 95 2.46 -25.58 -3.39
N GLN A 96 1.33 -26.20 -3.72
CA GLN A 96 1.20 -27.65 -3.53
C GLN A 96 2.12 -28.46 -4.44
N ASN A 97 2.72 -27.82 -5.44
CA ASN A 97 3.60 -28.52 -6.36
C ASN A 97 5.05 -28.04 -6.29
N ALA A 98 5.38 -27.40 -5.18
CA ALA A 98 6.74 -26.91 -4.95
C ALA A 98 7.78 -28.02 -5.08
N VAL A 99 7.43 -29.20 -4.59
CA VAL A 99 8.37 -30.31 -4.55
C VAL A 99 8.08 -31.34 -5.63
N THR A 100 7.22 -31.01 -6.58
CA THR A 100 7.00 -31.93 -7.70
C THR A 100 7.52 -31.32 -8.98
N SER A 101 7.52 -32.14 -10.02
CA SER A 101 7.95 -31.74 -11.35
C SER A 101 6.86 -30.97 -12.12
N LEU A 102 5.79 -30.57 -11.42
CA LEU A 102 4.76 -29.73 -12.01
C LEU A 102 4.91 -28.29 -11.53
N SER A 103 5.95 -28.06 -10.74
CA SER A 103 6.24 -26.73 -10.20
C SER A 103 6.35 -25.67 -11.27
N GLU A 104 7.18 -25.91 -12.29
CA GLU A 104 7.38 -24.90 -13.33
C GLU A 104 6.07 -24.55 -14.05
N GLU A 105 5.31 -25.57 -14.43
CA GLU A 105 4.04 -25.34 -15.15
C GLU A 105 3.07 -24.55 -14.28
N ALA A 106 3.05 -24.88 -13.00
CA ALA A 106 2.19 -24.20 -12.05
C ALA A 106 2.54 -22.72 -11.97
N LYS A 107 3.84 -22.42 -12.02
CA LYS A 107 4.30 -21.05 -11.91
C LYS A 107 4.01 -20.30 -13.20
N ARG A 108 4.14 -20.98 -14.33
CA ARG A 108 3.77 -20.39 -15.60
C ARG A 108 2.30 -19.98 -15.58
N GLN A 109 1.46 -20.80 -14.97
CA GLN A 109 0.03 -20.53 -14.95
C GLN A 109 -0.32 -19.41 -13.94
N MET A 110 0.52 -19.23 -12.93
CA MET A 110 0.44 -18.08 -12.04
C MET A 110 0.69 -16.80 -12.81
N LEU A 111 1.72 -16.84 -13.65
CA LEU A 111 2.12 -15.66 -14.41
C LEU A 111 1.07 -15.30 -15.43
N THR A 112 0.50 -16.31 -16.09
CA THR A 112 -0.59 -16.07 -17.02
C THR A 112 -1.78 -15.40 -16.34
N ALA A 113 -2.14 -15.90 -15.17
CA ALA A 113 -3.26 -15.39 -14.42
C ALA A 113 -2.99 -13.95 -13.94
N SER A 114 -1.75 -13.65 -13.56
CA SER A 114 -1.44 -12.30 -13.08
C SER A 114 -1.37 -11.33 -14.26
N HIS A 115 -0.85 -11.80 -15.37
CA HIS A 115 -0.81 -11.01 -16.60
C HIS A 115 -2.21 -10.66 -17.08
N THR A 116 -3.13 -11.62 -17.00
CA THR A 116 -4.48 -11.39 -17.43
C THR A 116 -5.09 -10.29 -16.57
N LEU A 117 -4.77 -10.28 -15.29
CA LEU A 117 -5.28 -9.27 -14.37
C LEU A 117 -4.84 -7.85 -14.78
N ALA A 118 -3.56 -7.72 -15.10
CA ALA A 118 -3.00 -6.42 -15.51
C ALA A 118 -3.71 -5.88 -16.76
N VAL A 119 -3.84 -6.75 -17.76
CA VAL A 119 -4.53 -6.44 -19.01
C VAL A 119 -5.93 -5.89 -18.76
N ASP A 120 -6.65 -6.51 -17.83
CA ASP A 120 -8.01 -6.08 -17.55
C ASP A 120 -8.08 -4.83 -16.65
N ALA A 121 -7.02 -4.58 -15.90
CA ALA A 121 -6.92 -3.31 -15.18
C ALA A 121 -6.86 -2.19 -16.19
N LYS A 122 -6.10 -2.39 -17.25
CA LYS A 122 -6.04 -1.37 -18.29
C LYS A 122 -7.42 -1.18 -18.92
N ASN A 123 -8.11 -2.28 -19.17
CA ASN A 123 -9.42 -2.19 -19.81
C ASN A 123 -10.41 -1.43 -18.91
N LEU A 124 -10.29 -1.59 -17.60
CA LEU A 124 -11.09 -0.78 -16.67
C LEU A 124 -10.73 0.70 -16.82
N LEU A 125 -9.44 1.00 -16.88
CA LEU A 125 -9.00 2.40 -17.10
C LEU A 125 -9.70 2.99 -18.32
N ASP A 126 -9.71 2.25 -19.43
CA ASP A 126 -10.35 2.71 -20.65
C ASP A 126 -11.84 3.01 -20.50
N ALA A 127 -12.55 2.14 -19.81
CA ALA A 127 -13.98 2.33 -19.65
C ALA A 127 -14.26 3.51 -18.71
N VAL A 128 -13.35 3.72 -17.76
CA VAL A 128 -13.48 4.88 -16.89
C VAL A 128 -13.24 6.16 -17.67
N ASP A 129 -12.19 6.18 -18.49
CA ASP A 129 -11.85 7.37 -19.26
C ASP A 129 -12.98 7.73 -20.25
N GLN A 130 -13.52 6.72 -20.93
CA GLN A 130 -14.66 6.93 -21.83
C GLN A 130 -15.85 7.52 -21.09
N ALA A 131 -16.13 6.97 -19.91
CA ALA A 131 -17.26 7.42 -19.11
C ALA A 131 -17.08 8.86 -18.67
N LYS A 132 -15.87 9.21 -18.26
CA LYS A 132 -15.59 10.61 -17.93
C LYS A 132 -15.69 11.51 -19.15
N VAL A 133 -15.06 11.07 -20.24
CA VAL A 133 -14.96 11.86 -21.46
C VAL A 133 -16.34 12.23 -21.94
N LEU A 134 -17.21 11.22 -21.96
CA LEU A 134 -18.54 11.38 -22.51
C LEU A 134 -19.52 11.97 -21.48
N ALA A 135 -19.07 12.09 -20.23
CA ALA A 135 -19.87 12.79 -19.21
C ALA A 135 -19.29 14.15 -18.82
N ASN A 136 -18.44 14.70 -19.69
CA ASN A 136 -17.79 15.99 -19.46
C ASN A 136 -17.13 16.11 -18.08
N LEU A 137 -16.45 15.03 -17.70
CA LEU A 137 -15.77 14.90 -16.42
C LEU A 137 -14.24 14.84 -16.59
N ALA A 138 -13.78 14.72 -17.82
CA ALA A 138 -12.36 14.50 -18.06
C ALA A 138 -11.64 15.83 -18.15
N HIS A 139 -10.33 15.77 -17.93
CA HIS A 139 -9.49 16.98 -17.98
C HIS A 139 -8.33 16.78 -18.95
N GLY A 140 -8.21 17.69 -19.91
CA GLY A 140 -7.19 17.58 -20.94
C GLY A 140 -5.82 18.11 -20.56
N GLY A 141 -4.78 17.57 -21.18
CA GLY A 141 -3.42 18.00 -20.94
C GLY A 141 -3.12 19.33 -21.61
N GLU A 149 1.15 6.37 -22.38
CA GLU A 149 2.23 5.54 -22.95
C GLU A 149 2.98 4.80 -21.86
N GLU A 150 2.95 5.34 -20.64
CA GLU A 150 3.66 4.76 -19.50
C GLU A 150 3.00 3.46 -19.05
N LEU A 151 1.67 3.43 -19.07
CA LEU A 151 0.90 2.24 -18.73
C LEU A 151 1.26 1.09 -19.65
N ASP A 152 1.28 1.39 -20.95
CA ASP A 152 1.63 0.41 -21.98
C ASP A 152 3.08 -0.04 -21.88
N ALA A 153 3.95 0.87 -21.43
CA ALA A 153 5.35 0.56 -21.25
C ALA A 153 5.53 -0.51 -20.18
N LEU A 154 4.82 -0.33 -19.06
CA LEU A 154 4.81 -1.32 -18.00
C LEU A 154 4.29 -2.66 -18.52
N LEU A 155 3.25 -2.61 -19.33
CA LEU A 155 2.66 -3.82 -19.91
C LEU A 155 3.60 -4.47 -20.91
N GLU A 156 4.41 -3.65 -21.57
CA GLU A 156 5.35 -4.15 -22.56
C GLU A 156 6.51 -4.87 -21.88
N GLU A 157 7.06 -4.25 -20.83
CA GLU A 157 8.13 -4.86 -20.04
C GLU A 157 7.63 -6.15 -19.39
N LEU A 158 6.33 -6.20 -19.13
CA LEU A 158 5.68 -7.37 -18.57
C LEU A 158 5.44 -8.42 -19.65
N GLU A 159 5.09 -7.95 -20.85
CA GLU A 159 4.81 -8.83 -21.98
C GLU A 159 6.02 -9.69 -22.37
N ARG A 160 7.21 -9.20 -22.02
CA ARG A 160 8.45 -9.92 -22.30
C ARG A 160 8.59 -11.14 -21.40
N LEU B 7 -13.07 9.90 23.57
CA LEU B 7 -12.90 10.60 22.30
C LEU B 7 -13.62 9.88 21.17
N ASP B 8 -14.27 10.67 20.32
CA ASP B 8 -14.90 10.17 19.11
C ASP B 8 -13.84 10.08 18.03
N ARG B 9 -13.38 8.87 17.74
CA ARG B 9 -12.34 8.69 16.75
C ARG B 9 -12.90 8.55 15.33
N THR B 10 -14.22 8.44 15.20
CA THR B 10 -14.80 8.17 13.87
C THR B 10 -14.44 9.29 12.89
N ASP B 11 -14.63 10.53 13.30
CA ASP B 11 -14.26 11.68 12.49
C ASP B 11 -12.74 11.94 12.44
N ASP B 12 -11.96 11.27 13.28
CA ASP B 12 -10.56 11.65 13.57
C ASP B 12 -9.53 11.06 12.62
N LEU B 13 -9.21 11.80 11.55
CA LEU B 13 -8.32 11.27 10.52
C LEU B 13 -6.91 10.97 11.00
N VAL B 14 -6.40 11.78 11.92
CA VAL B 14 -5.06 11.59 12.41
C VAL B 14 -4.95 10.28 13.17
N TYR B 15 -5.95 10.00 14.01
CA TYR B 15 -5.98 8.72 14.70
C TYR B 15 -6.07 7.54 13.72
N LEU B 16 -7.01 7.61 12.79
CA LEU B 16 -7.17 6.56 11.77
C LEU B 16 -5.86 6.33 11.00
N ASN B 17 -5.17 7.43 10.68
CA ASN B 17 -3.93 7.35 9.91
C ASN B 17 -2.77 6.79 10.73
N VAL B 18 -2.75 7.13 12.03
CA VAL B 18 -1.75 6.54 12.90
C VAL B 18 -1.95 5.01 12.98
N MET B 19 -3.21 4.60 13.13
CA MET B 19 -3.55 3.18 13.13
CA MET B 19 -3.50 3.17 13.17
C MET B 19 -3.05 2.45 11.90
N GLU B 20 -3.33 3.01 10.73
CA GLU B 20 -2.93 2.36 9.47
C GLU B 20 -1.41 2.24 9.40
N LEU B 21 -0.71 3.25 9.89
CA LEU B 21 0.74 3.23 9.90
C LEU B 21 1.24 2.11 10.80
N VAL B 22 0.69 2.02 12.00
CA VAL B 22 1.09 0.96 12.92
C VAL B 22 0.77 -0.45 12.35
N ARG B 23 -0.38 -0.61 11.68
CA ARG B 23 -0.67 -1.90 11.06
C ARG B 23 0.30 -2.22 9.90
N ALA B 24 0.77 -1.20 9.19
CA ALA B 24 1.76 -1.40 8.12
C ALA B 24 3.12 -1.80 8.70
N VAL B 25 3.45 -1.23 9.84
CA VAL B 25 4.68 -1.61 10.55
C VAL B 25 4.55 -3.05 11.04
N LEU B 26 3.37 -3.37 11.55
CA LEU B 26 3.08 -4.73 12.02
C LEU B 26 3.15 -5.75 10.87
N GLU B 27 2.71 -5.32 9.69
CA GLU B 27 2.79 -6.17 8.50
C GLU B 27 4.25 -6.40 8.05
N LEU B 28 5.09 -5.38 8.18
CA LEU B 28 6.51 -5.56 7.85
C LEU B 28 7.08 -6.62 8.78
N LYS B 29 6.79 -6.47 10.05
CA LYS B 29 7.24 -7.39 11.09
C LYS B 29 6.85 -8.82 10.72
N ASN B 30 5.58 -9.02 10.38
CA ASN B 30 5.07 -10.36 10.09
C ASN B 30 5.55 -10.98 8.77
N GLU B 31 5.95 -10.15 7.81
CA GLU B 31 6.31 -10.69 6.49
C GLU B 31 7.80 -10.77 6.27
N LEU B 32 8.58 -10.10 7.13
CA LEU B 32 9.99 -9.88 6.84
C LEU B 32 10.71 -11.17 6.46
N SER B 33 10.42 -12.26 7.19
CA SER B 33 11.14 -13.52 7.01
CA SER B 33 11.14 -13.52 7.01
C SER B 33 10.85 -14.21 5.68
N GLN B 34 9.67 -14.02 5.13
CA GLN B 34 9.30 -14.69 3.88
C GLN B 34 9.58 -13.81 2.67
N LEU B 35 10.21 -12.66 2.91
CA LEU B 35 10.58 -11.73 1.84
C LEU B 35 11.97 -12.01 1.26
N PRO B 36 12.10 -11.93 -0.07
CA PRO B 36 13.41 -11.79 -0.71
C PRO B 36 13.84 -10.32 -0.58
N PRO B 37 15.13 -10.01 -0.79
CA PRO B 37 15.58 -8.61 -0.62
C PRO B 37 14.83 -7.62 -1.51
N GLU B 38 14.47 -8.04 -2.72
CA GLU B 38 13.69 -7.18 -3.61
C GLU B 38 12.32 -6.89 -3.00
N GLY B 39 11.82 -7.83 -2.18
CA GLY B 39 10.58 -7.66 -1.45
C GLY B 39 10.63 -6.71 -0.26
N TYR B 40 11.83 -6.32 0.19
CA TYR B 40 11.92 -5.40 1.33
C TYR B 40 11.40 -4.02 0.93
N VAL B 41 11.66 -3.62 -0.30
CA VAL B 41 11.30 -2.29 -0.75
C VAL B 41 9.80 -2.06 -0.65
N VAL B 42 9.04 -3.08 -1.05
CA VAL B 42 7.59 -3.01 -1.06
C VAL B 42 7.01 -2.78 0.33
N VAL B 43 7.49 -3.48 1.35
CA VAL B 43 6.89 -3.28 2.67
C VAL B 43 7.35 -2.01 3.32
N VAL B 44 8.56 -1.57 3.01
CA VAL B 44 9.02 -0.30 3.56
C VAL B 44 8.31 0.86 2.83
N LYS B 45 8.19 0.77 1.51
CA LYS B 45 7.42 1.77 0.79
C LYS B 45 5.98 1.88 1.30
N ASN B 46 5.34 0.75 1.59
CA ASN B 46 3.99 0.78 2.15
C ASN B 46 3.91 1.49 3.49
N VAL B 47 4.93 1.29 4.33
CA VAL B 47 5.06 2.03 5.57
C VAL B 47 5.18 3.53 5.28
N GLY B 48 5.97 3.87 4.27
CA GLY B 48 6.15 5.27 3.91
C GLY B 48 4.86 5.89 3.36
N LEU B 49 4.08 5.09 2.64
CA LEU B 49 2.84 5.59 2.05
C LEU B 49 1.85 6.01 3.13
N THR B 50 1.80 5.23 4.22
CA THR B 50 0.90 5.52 5.30
C THR B 50 1.41 6.73 6.09
N LEU B 51 2.73 6.93 6.11
CA LEU B 51 3.29 8.09 6.79
C LEU B 51 2.95 9.36 6.02
N ARG B 52 2.99 9.30 4.70
CA ARG B 52 2.62 10.46 3.89
C ARG B 52 1.16 10.85 4.10
N LYS B 53 0.29 9.84 4.22
CA LYS B 53 -1.12 10.08 4.49
C LYS B 53 -1.29 10.77 5.84
N LEU B 54 -0.54 10.26 6.82
CA LEU B 54 -0.57 10.82 8.17
C LEU B 54 -0.08 12.27 8.17
N ILE B 55 1.07 12.52 7.53
CA ILE B 55 1.61 13.88 7.43
C ILE B 55 0.65 14.84 6.76
N GLY B 56 0.07 14.40 5.64
CA GLY B 56 -0.89 15.19 4.91
C GLY B 56 -2.02 15.68 5.80
N SER B 57 -2.55 14.78 6.62
CA SER B 57 -3.70 15.09 7.44
C SER B 57 -3.32 15.92 8.67
N VAL B 58 -2.06 15.85 9.09
CA VAL B 58 -1.62 16.70 10.18
C VAL B 58 -1.42 18.13 9.67
N ASP B 59 -0.80 18.24 8.49
CA ASP B 59 -0.59 19.52 7.84
C ASP B 59 -1.88 20.29 7.61
N ASP B 60 -2.97 19.56 7.35
CA ASP B 60 -4.26 20.21 7.16
C ASP B 60 -4.74 20.84 8.45
N LEU B 61 -4.41 20.20 9.56
CA LEU B 61 -4.90 20.62 10.86
C LEU B 61 -4.14 21.84 11.38
N LEU B 62 -2.84 21.84 11.12
CA LEU B 62 -1.89 22.75 11.74
C LEU B 62 -2.24 24.25 11.75
N PRO B 63 -2.84 24.79 10.66
CA PRO B 63 -3.09 26.24 10.71
C PRO B 63 -4.15 26.68 11.72
N SER B 64 -4.91 25.75 12.26
CA SER B 64 -5.99 26.12 13.17
C SER B 64 -5.57 25.98 14.64
N LEU B 65 -4.35 25.46 14.87
CA LEU B 65 -3.84 25.26 16.22
C LEU B 65 -3.00 26.47 16.68
N PRO B 66 -2.80 26.60 18.01
CA PRO B 66 -1.90 27.68 18.45
C PRO B 66 -0.47 27.37 18.06
N SER B 67 0.34 28.42 17.98
CA SER B 67 1.71 28.35 17.52
C SER B 67 2.58 27.40 18.34
N SER B 68 2.36 27.39 19.66
CA SER B 68 3.12 26.47 20.52
C SER B 68 2.88 25.01 20.10
N SER B 69 1.64 24.69 19.78
CA SER B 69 1.28 23.35 19.31
C SER B 69 1.88 23.03 17.94
N ARG B 70 1.74 23.98 17.02
CA ARG B 70 2.29 23.85 15.68
C ARG B 70 3.77 23.50 15.75
N THR B 71 4.50 24.22 16.59
CA THR B 71 5.93 23.98 16.76
C THR B 71 6.27 22.58 17.28
N GLU B 72 5.62 22.16 18.35
CA GLU B 72 5.83 20.80 18.87
C GLU B 72 5.46 19.71 17.84
N ILE B 73 4.31 19.87 17.19
CA ILE B 73 3.84 18.88 16.22
C ILE B 73 4.74 18.83 14.99
N GLU B 74 5.19 19.99 14.53
CA GLU B 74 6.19 20.03 13.46
C GLU B 74 7.43 19.25 13.85
N GLY B 75 7.82 19.35 15.13
CA GLY B 75 8.91 18.56 15.68
C GLY B 75 8.69 17.04 15.57
N THR B 76 7.51 16.56 15.93
CA THR B 76 7.22 15.12 15.81
C THR B 76 7.14 14.67 14.35
N GLN B 77 6.73 15.56 13.45
CA GLN B 77 6.68 15.21 12.03
C GLN B 77 8.08 14.97 11.47
N LYS B 78 8.96 15.92 11.75
CA LYS B 78 10.35 15.87 11.34
C LYS B 78 11.05 14.63 11.88
N LEU B 79 10.73 14.27 13.12
CA LEU B 79 11.28 13.05 13.72
C LEU B 79 10.82 11.80 12.98
N LEU B 80 9.55 11.78 12.57
CA LEU B 80 9.02 10.64 11.84
C LEU B 80 9.74 10.49 10.50
N ASN B 81 10.02 11.62 9.85
CA ASN B 81 10.78 11.57 8.60
C ASN B 81 12.19 11.00 8.83
N LYS B 82 12.84 11.44 9.91
CA LYS B 82 14.14 10.90 10.31
C LYS B 82 14.06 9.39 10.56
N ASP B 83 13.01 8.94 11.23
CA ASP B 83 12.78 7.52 11.48
C ASP B 83 12.62 6.72 10.19
N LEU B 84 11.95 7.30 9.21
CA LEU B 84 11.78 6.63 7.93
C LEU B 84 13.11 6.53 7.21
N ALA B 85 13.87 7.63 7.19
CA ALA B 85 15.19 7.63 6.58
C ALA B 85 16.06 6.52 7.18
N GLU B 86 15.94 6.33 8.49
CA GLU B 86 16.72 5.30 9.17
CA GLU B 86 16.70 5.30 9.18
C GLU B 86 16.25 3.90 8.77
N LEU B 87 14.93 3.71 8.69
CA LEU B 87 14.36 2.43 8.27
C LEU B 87 14.84 2.07 6.86
N ILE B 88 14.88 3.06 5.97
CA ILE B 88 15.36 2.86 4.62
C ILE B 88 16.88 2.52 4.60
N ASN B 89 17.67 3.16 5.46
CA ASN B 89 19.10 2.81 5.59
C ASN B 89 19.29 1.34 6.04
N LYS B 90 18.55 0.93 7.06
CA LYS B 90 18.60 -0.46 7.54
C LYS B 90 18.10 -1.48 6.51
N MET B 91 17.07 -1.10 5.75
CA MET B 91 16.62 -1.95 4.66
C MET B 91 17.72 -2.20 3.64
N ARG B 92 18.34 -1.12 3.16
CA ARG B 92 19.44 -1.21 2.19
C ARG B 92 20.59 -2.07 2.68
N LEU B 93 20.92 -1.89 3.95
CA LEU B 93 21.98 -2.67 4.60
C LEU B 93 21.60 -4.16 4.59
N ALA B 94 20.33 -4.44 4.85
CA ALA B 94 19.80 -5.80 4.90
C ALA B 94 19.70 -6.42 3.51
N GLN B 95 19.30 -5.60 2.52
CA GLN B 95 19.37 -6.06 1.14
C GLN B 95 20.78 -6.49 0.74
N GLN B 96 21.79 -5.75 1.19
CA GLN B 96 23.17 -6.00 0.76
C GLN B 96 23.73 -7.26 1.42
N ASN B 97 23.20 -7.58 2.60
CA ASN B 97 23.60 -8.77 3.34
C ASN B 97 22.62 -9.95 3.25
N ALA B 98 21.83 -10.02 2.19
CA ALA B 98 20.85 -11.10 2.06
C ALA B 98 21.54 -12.46 1.90
N VAL B 99 22.77 -12.43 1.40
CA VAL B 99 23.54 -13.65 1.15
C VAL B 99 24.64 -13.93 2.19
N THR B 100 24.81 -13.03 3.15
CA THR B 100 25.85 -13.21 4.18
C THR B 100 25.25 -13.69 5.50
N SER B 101 26.10 -14.09 6.42
CA SER B 101 25.70 -14.47 7.78
C SER B 101 25.33 -13.27 8.69
N LEU B 102 25.36 -12.05 8.15
CA LEU B 102 24.84 -10.88 8.87
C LEU B 102 23.36 -10.56 8.55
N SER B 103 22.78 -11.34 7.65
CA SER B 103 21.36 -11.14 7.27
C SER B 103 20.41 -11.01 8.45
N GLU B 104 20.47 -11.96 9.37
CA GLU B 104 19.51 -11.98 10.49
C GLU B 104 19.67 -10.76 11.39
N GLU B 105 20.90 -10.36 11.69
CA GLU B 105 21.11 -9.15 12.50
C GLU B 105 20.63 -7.87 11.77
N ALA B 106 20.83 -7.83 10.45
CA ALA B 106 20.38 -6.68 9.67
C ALA B 106 18.86 -6.58 9.68
N LYS B 107 18.18 -7.72 9.57
CA LYS B 107 16.73 -7.76 9.66
C LYS B 107 16.25 -7.37 11.04
N ARG B 108 17.00 -7.75 12.07
CA ARG B 108 16.61 -7.31 13.41
C ARG B 108 16.73 -5.80 13.55
N GLN B 109 17.71 -5.21 12.91
CA GLN B 109 17.84 -3.75 12.96
C GLN B 109 16.75 -3.05 12.12
N MET B 110 16.27 -3.68 11.05
CA MET B 110 15.09 -3.15 10.34
C MET B 110 13.88 -3.07 11.26
N LEU B 111 13.64 -4.15 11.99
CA LEU B 111 12.48 -4.25 12.87
C LEU B 111 12.56 -3.23 13.98
N THR B 112 13.77 -3.02 14.51
CA THR B 112 14.02 -2.00 15.52
C THR B 112 13.71 -0.59 14.97
N ALA B 113 14.16 -0.32 13.76
CA ALA B 113 13.91 1.00 13.17
C ALA B 113 12.43 1.22 12.86
N SER B 114 11.73 0.17 12.42
CA SER B 114 10.32 0.32 12.09
C SER B 114 9.49 0.41 13.37
N HIS B 115 9.89 -0.32 14.41
CA HIS B 115 9.25 -0.19 15.71
C HIS B 115 9.33 1.25 16.26
N THR B 116 10.54 1.81 16.23
CA THR B 116 10.74 3.21 16.64
C THR B 116 9.82 4.17 15.88
N LEU B 117 9.62 3.90 14.60
CA LEU B 117 8.73 4.71 13.77
CA LEU B 117 8.73 4.73 13.78
C LEU B 117 7.30 4.62 14.33
N ALA B 118 6.86 3.41 14.64
CA ALA B 118 5.53 3.20 15.22
C ALA B 118 5.34 3.99 16.52
N VAL B 119 6.35 3.95 17.38
CA VAL B 119 6.28 4.61 18.68
C VAL B 119 6.17 6.12 18.50
N ASP B 120 7.01 6.67 17.63
CA ASP B 120 6.96 8.09 17.31
C ASP B 120 5.68 8.51 16.58
N ALA B 121 4.96 7.56 16.01
CA ALA B 121 3.67 7.88 15.41
C ALA B 121 2.63 8.09 16.51
N LYS B 122 2.69 7.25 17.55
CA LYS B 122 1.85 7.46 18.72
C LYS B 122 2.20 8.78 19.44
N ASN B 123 3.48 9.12 19.47
CA ASN B 123 3.89 10.40 20.09
C ASN B 123 3.33 11.60 19.32
N LEU B 124 3.30 11.48 18.00
CA LEU B 124 2.65 12.53 17.20
C LEU B 124 1.18 12.61 17.56
N LEU B 125 0.52 11.45 17.62
CA LEU B 125 -0.89 11.41 17.99
C LEU B 125 -1.10 12.09 19.34
N ASP B 126 -0.22 11.80 20.29
CA ASP B 126 -0.35 12.43 21.62
C ASP B 126 -0.22 13.96 21.56
N ALA B 127 0.78 14.44 20.83
CA ALA B 127 0.95 15.88 20.65
C ALA B 127 -0.25 16.49 19.94
N VAL B 128 -0.86 15.75 19.03
CA VAL B 128 -2.05 16.28 18.34
C VAL B 128 -3.27 16.31 19.27
N ASP B 129 -3.49 15.23 20.04
CA ASP B 129 -4.63 15.22 20.99
C ASP B 129 -4.53 16.37 22.03
N GLN B 130 -3.33 16.58 22.56
CA GLN B 130 -3.11 17.65 23.54
C GLN B 130 -3.42 19.02 22.94
N ALA B 131 -2.98 19.21 21.71
CA ALA B 131 -3.21 20.45 20.97
C ALA B 131 -4.71 20.71 20.75
N LYS B 132 -5.46 19.65 20.46
CA LYS B 132 -6.89 19.77 20.21
C LYS B 132 -7.63 20.19 21.48
N VAL B 133 -7.18 19.68 22.62
CA VAL B 133 -7.75 20.13 23.89
C VAL B 133 -7.49 21.63 24.11
N LEU B 134 -6.26 22.07 23.83
CA LEU B 134 -5.89 23.49 23.93
C LEU B 134 -6.75 24.36 23.04
N ALA B 135 -6.78 24.02 21.76
CA ALA B 135 -7.54 24.76 20.75
C ALA B 135 -9.04 24.53 20.85
N ASN B 136 -9.45 23.81 21.89
CA ASN B 136 -10.83 23.34 22.04
C ASN B 136 -11.40 22.72 20.76
N LEU B 137 -10.75 21.67 20.27
CA LEU B 137 -11.15 21.02 19.02
C LEU B 137 -11.44 19.53 19.18
N ALA B 138 -11.44 19.03 20.41
CA ALA B 138 -11.69 17.61 20.65
C ALA B 138 -13.16 17.34 20.90
N HIS B 139 -13.68 16.19 20.48
CA HIS B 139 -15.10 15.90 20.73
C HIS B 139 -15.33 14.46 21.17
N GLY B 140 -15.92 14.30 22.36
CA GLY B 140 -16.13 12.98 22.93
C GLY B 140 -17.24 12.21 22.25
N MET B 148 -8.63 4.73 23.03
CA MET B 148 -7.30 4.39 22.53
C MET B 148 -7.05 2.88 22.59
N GLU B 149 -8.07 2.13 23.01
CA GLU B 149 -7.95 0.70 23.23
C GLU B 149 -7.32 -0.05 22.06
N GLU B 150 -7.73 0.27 20.84
CA GLU B 150 -7.30 -0.48 19.67
C GLU B 150 -5.84 -0.22 19.29
N LEU B 151 -5.35 0.99 19.54
CA LEU B 151 -3.96 1.33 19.24
C LEU B 151 -2.98 0.66 20.19
N ASP B 152 -3.32 0.63 21.49
CA ASP B 152 -2.43 0.03 22.48
C ASP B 152 -2.23 -1.46 22.20
N ALA B 153 -3.29 -2.13 21.79
CA ALA B 153 -3.24 -3.55 21.46
C ALA B 153 -2.28 -3.80 20.31
N LEU B 154 -2.38 -2.97 19.28
CA LEU B 154 -1.49 -3.05 18.12
C LEU B 154 -0.03 -2.88 18.51
N LEU B 155 0.25 -1.85 19.30
CA LEU B 155 1.60 -1.56 19.74
C LEU B 155 2.12 -2.68 20.61
N GLU B 156 1.24 -3.30 21.39
CA GLU B 156 1.63 -4.43 22.25
C GLU B 156 1.99 -5.64 21.41
N GLU B 157 1.14 -5.96 20.44
CA GLU B 157 1.38 -7.07 19.52
C GLU B 157 2.68 -6.82 18.75
N LEU B 158 3.03 -5.56 18.57
CA LEU B 158 4.25 -5.18 17.88
C LEU B 158 5.48 -5.46 18.74
N GLU B 159 5.32 -5.34 20.06
CA GLU B 159 6.41 -5.59 21.00
C GLU B 159 6.77 -7.07 21.13
N ARG B 160 5.77 -7.93 21.00
CA ARG B 160 5.92 -9.36 21.24
C ARG B 160 6.94 -10.01 20.31
N LYS C 1 -18.40 0.06 0.00
CA LYS C 1 -19.01 -1.22 0.34
C LYS C 1 -20.10 -1.61 -0.67
N THR C 2 -19.78 -1.44 -1.95
CA THR C 2 -20.61 -1.98 -3.03
C THR C 2 -20.41 -3.49 -3.12
N SER C 3 -20.92 -4.10 -4.19
CA SER C 3 -20.79 -5.54 -4.34
C SER C 3 -19.37 -5.94 -4.71
N ALA C 4 -18.72 -5.09 -5.49
CA ALA C 4 -17.34 -5.34 -5.91
C ALA C 4 -16.38 -5.22 -4.72
N ALA C 5 -16.56 -4.18 -3.92
CA ALA C 5 -15.74 -4.00 -2.72
C ALA C 5 -15.98 -5.13 -1.70
N ALA C 6 -17.20 -5.64 -1.65
CA ALA C 6 -17.53 -6.73 -0.73
C ALA C 6 -16.96 -8.05 -1.24
N GLN C 7 -17.06 -8.27 -2.55
CA GLN C 7 -16.56 -9.48 -3.16
C GLN C 7 -15.03 -9.53 -3.02
N LEU C 8 -14.40 -8.36 -3.16
CA LEU C 8 -12.95 -8.28 -3.08
C LEU C 8 -12.46 -8.51 -1.64
N ASP C 9 -13.16 -7.92 -0.67
CA ASP C 9 -12.78 -8.11 0.72
C ASP C 9 -12.87 -9.58 1.11
N GLU C 10 -13.77 -10.29 0.44
CA GLU C 10 -13.93 -11.71 0.66
C GLU C 10 -12.68 -12.44 0.18
N LEU C 11 -12.22 -12.10 -1.01
CA LEU C 11 -11.03 -12.73 -1.58
C LEU C 11 -9.78 -12.42 -0.77
N MET C 12 -9.67 -11.18 -0.31
CA MET C 12 -8.52 -10.75 0.48
C MET C 12 -8.47 -11.43 1.84
N ALA C 13 -9.64 -11.68 2.42
CA ALA C 13 -9.73 -12.33 3.72
C ALA C 13 -9.14 -13.75 3.68
N HIS C 14 -9.21 -14.38 2.51
CA HIS C 14 -8.66 -15.72 2.35
C HIS C 14 -7.14 -15.72 2.34
N LEU C 15 -6.55 -14.83 1.56
CA LEU C 15 -5.10 -14.70 1.51
C LEU C 15 -4.51 -14.48 2.90
N THR C 16 -5.11 -13.59 3.67
CA THR C 16 -4.61 -13.25 5.00
C THR C 16 -4.63 -14.44 5.94
N GLU C 17 -5.52 -15.39 5.71
CA GLU C 17 -5.66 -16.54 6.59
C GLU C 17 -4.68 -17.66 6.28
N MET C 18 -3.89 -17.51 5.22
CA MET C 18 -2.96 -18.58 4.83
C MET C 18 -1.51 -18.12 4.71
N GLN C 19 -1.12 -17.12 5.51
CA GLN C 19 0.29 -16.73 5.57
C GLN C 19 0.92 -17.27 6.85
N LYS D 1 2.46 22.59 0.66
CA LYS D 1 3.60 21.69 0.73
C LYS D 1 4.60 22.11 1.80
N THR D 2 4.44 21.57 3.00
CA THR D 2 5.30 21.88 4.13
C THR D 2 6.68 21.24 3.97
N SER D 3 7.61 21.60 4.85
CA SER D 3 8.97 21.07 4.77
C SER D 3 8.96 19.57 5.13
N ALA D 4 8.05 19.17 6.00
CA ALA D 4 7.90 17.78 6.37
C ALA D 4 7.33 16.95 5.21
N ALA D 5 6.40 17.52 4.46
CA ALA D 5 5.83 16.81 3.31
C ALA D 5 6.85 16.68 2.19
N ALA D 6 7.58 17.77 1.91
CA ALA D 6 8.57 17.77 0.84
C ALA D 6 9.77 16.87 1.14
N GLN D 7 10.20 16.84 2.41
CA GLN D 7 11.29 15.97 2.81
C GLN D 7 10.84 14.51 2.70
N LEU D 8 9.59 14.26 3.04
CA LEU D 8 9.04 12.92 2.90
C LEU D 8 9.02 12.50 1.43
N ASP D 9 8.63 13.43 0.56
CA ASP D 9 8.54 13.11 -0.86
C ASP D 9 9.90 12.75 -1.44
N GLU D 10 10.96 13.36 -0.90
CA GLU D 10 12.32 13.03 -1.33
C GLU D 10 12.67 11.61 -0.91
N LEU D 11 12.29 11.26 0.32
CA LEU D 11 12.54 9.93 0.84
C LEU D 11 11.80 8.88 -0.02
N MET D 12 10.51 9.10 -0.25
CA MET D 12 9.70 8.20 -1.07
C MET D 12 10.22 8.06 -2.50
N ALA D 13 10.89 9.11 -2.99
CA ALA D 13 11.41 9.10 -4.36
C ALA D 13 12.66 8.23 -4.48
N HIS D 14 13.48 8.23 -3.42
CA HIS D 14 14.65 7.37 -3.38
C HIS D 14 14.17 5.93 -3.31
N LEU D 15 13.16 5.72 -2.47
CA LEU D 15 12.49 4.43 -2.34
C LEU D 15 11.95 3.99 -3.69
N THR D 16 11.24 4.92 -4.35
CA THR D 16 10.65 4.69 -5.66
C THR D 16 11.69 4.28 -6.70
N GLU D 17 12.84 4.95 -6.70
CA GLU D 17 13.92 4.63 -7.62
C GLU D 17 14.51 3.24 -7.36
N MET D 18 14.30 2.72 -6.14
CA MET D 18 14.78 1.39 -5.78
C MET D 18 13.83 0.31 -6.31
#